data_6SY4
#
_entry.id   6SY4
#
_cell.length_a   96.027
_cell.length_b   96.027
_cell.length_c   163.015
_cell.angle_alpha   90.000
_cell.angle_beta   90.000
_cell.angle_gamma   90.000
#
_symmetry.space_group_name_H-M   'P 42 21 2'
#
loop_
_entity.id
_entity.type
_entity.pdbx_description
1 polymer 'Tetracycline repressor protein class B from transposon Tn10'
2 polymer 'TetR-binding aptamer K1 (43-MER)'
3 water water
#
loop_
_entity_poly.entity_id
_entity_poly.type
_entity_poly.pdbx_seq_one_letter_code
_entity_poly.pdbx_strand_id
1 'polypeptide(L)'
;MSRLDKSKVINSALELLNEVGIEGLTTRKLAQKLGVEQPTLYWHVKNKRALLDALAIEMLDRHHTHFSPLEGESWQDFLR
NNAKSFRNALLSHRDGAKVHLGTRPTEKQYETLENQLAFLTQQGFSLENALYALSAVGHFTLGSVLEDQEHQVAKEERET
PTTDSMPPLLRQAIELFDHQGAEPAFLHGLESLIRGFEVQLTALLQIV
;
A,B
2 'polyribonucleotide' GGCCGGAGAAUGUUAUGGCGCGAAAGCGCAGAGAAAACCGGUC C
#
# COMPACT_ATOMS: atom_id res chain seq x y z
N ARG A 3 -28.98 7.86 -25.31
CA ARG A 3 -28.23 9.00 -24.79
C ARG A 3 -27.24 8.55 -23.71
N LEU A 4 -26.55 7.45 -23.97
CA LEU A 4 -25.63 6.86 -23.00
C LEU A 4 -24.25 6.76 -23.65
N ASP A 5 -23.37 7.73 -23.35
CA ASP A 5 -22.02 7.76 -23.88
C ASP A 5 -21.03 7.46 -22.77
N LYS A 6 -19.77 7.23 -23.16
CA LYS A 6 -18.72 6.92 -22.21
C LYS A 6 -18.56 7.99 -21.13
N SER A 7 -18.89 9.25 -21.44
CA SER A 7 -18.73 10.32 -20.46
C SER A 7 -19.66 10.13 -19.27
N LYS A 8 -20.94 9.89 -19.53
CA LYS A 8 -21.91 9.70 -18.46
C LYS A 8 -21.68 8.39 -17.70
N VAL A 9 -21.14 7.37 -18.36
CA VAL A 9 -20.94 6.08 -17.70
C VAL A 9 -19.93 6.21 -16.56
N ILE A 10 -18.77 6.80 -16.84
CA ILE A 10 -17.74 6.87 -15.81
C ILE A 10 -18.08 7.93 -14.77
N ASN A 11 -18.72 9.02 -15.19
CA ASN A 11 -19.15 10.04 -14.23
C ASN A 11 -20.12 9.45 -13.22
N SER A 12 -21.09 8.67 -13.70
CA SER A 12 -21.97 7.95 -12.79
C SER A 12 -21.22 6.90 -12.00
N ALA A 13 -20.25 6.23 -12.64
CA ALA A 13 -19.48 5.19 -11.97
C ALA A 13 -18.65 5.76 -10.82
N LEU A 14 -18.04 6.94 -11.01
CA LEU A 14 -17.23 7.51 -9.94
C LEU A 14 -18.11 8.06 -8.83
N GLU A 15 -19.30 8.58 -9.17
CA GLU A 15 -20.28 8.90 -8.14
C GLU A 15 -20.67 7.66 -7.36
N LEU A 16 -20.90 6.55 -8.08
CA LEU A 16 -21.27 5.31 -7.41
C LEU A 16 -20.10 4.75 -6.60
N LEU A 17 -18.87 4.97 -7.04
CA LEU A 17 -17.71 4.55 -6.26
C LEU A 17 -17.68 5.24 -4.91
N ASN A 18 -17.97 6.54 -4.88
CA ASN A 18 -17.99 7.27 -3.62
C ASN A 18 -19.10 6.77 -2.70
N GLU A 19 -20.24 6.39 -3.27
CA GLU A 19 -21.40 6.01 -2.45
C GLU A 19 -21.17 4.67 -1.76
N VAL A 20 -20.74 3.67 -2.51
CA VAL A 20 -20.70 2.29 -2.02
C VAL A 20 -19.29 1.79 -1.74
N GLY A 21 -18.27 2.39 -2.36
CA GLY A 21 -16.91 1.89 -2.25
C GLY A 21 -16.58 0.83 -3.29
N ILE A 22 -15.29 0.50 -3.34
CA ILE A 22 -14.80 -0.46 -4.34
C ILE A 22 -15.37 -1.85 -4.10
N GLU A 23 -15.62 -2.22 -2.84
CA GLU A 23 -16.08 -3.57 -2.55
C GLU A 23 -17.56 -3.74 -2.90
N GLY A 24 -18.35 -2.68 -2.78
CA GLY A 24 -19.76 -2.72 -3.12
C GLY A 24 -20.09 -2.24 -4.51
N LEU A 25 -19.08 -1.91 -5.32
CA LEU A 25 -19.33 -1.40 -6.66
C LEU A 25 -19.52 -2.57 -7.63
N THR A 26 -20.64 -2.55 -8.35
CA THR A 26 -20.94 -3.58 -9.34
C THR A 26 -21.48 -2.90 -10.61
N THR A 27 -21.29 -3.57 -11.74
CA THR A 27 -21.84 -3.05 -12.99
C THR A 27 -23.36 -3.04 -12.97
N ARG A 28 -23.97 -3.92 -12.17
CA ARG A 28 -25.43 -3.96 -12.11
C ARG A 28 -25.99 -2.75 -11.36
N LYS A 29 -25.35 -2.38 -10.25
CA LYS A 29 -25.75 -1.16 -9.56
C LYS A 29 -25.46 0.08 -10.40
N LEU A 30 -24.44 0.03 -11.24
CA LEU A 30 -24.20 1.12 -12.18
C LEU A 30 -25.29 1.18 -13.24
N ALA A 31 -25.71 0.03 -13.76
CA ALA A 31 -26.80 -0.02 -14.71
C ALA A 31 -28.08 0.52 -14.08
N GLN A 32 -28.36 0.16 -12.83
CA GLN A 32 -29.55 0.65 -12.17
C GLN A 32 -29.47 2.15 -11.90
N LYS A 33 -28.29 2.64 -11.49
CA LYS A 33 -28.12 4.07 -11.30
C LYS A 33 -28.29 4.84 -12.61
N LEU A 34 -27.87 4.24 -13.72
CA LEU A 34 -28.04 4.87 -15.03
C LEU A 34 -29.42 4.69 -15.61
N GLY A 35 -30.24 3.81 -15.03
CA GLY A 35 -31.57 3.56 -15.55
C GLY A 35 -31.59 2.75 -16.83
N VAL A 36 -30.67 1.80 -16.98
CA VAL A 36 -30.59 0.97 -18.17
C VAL A 36 -30.50 -0.49 -17.74
N GLU A 37 -30.93 -1.37 -18.63
CA GLU A 37 -30.77 -2.80 -18.39
C GLU A 37 -29.31 -3.20 -18.50
N GLN A 38 -28.97 -4.31 -17.85
CA GLN A 38 -27.59 -4.80 -17.88
C GLN A 38 -27.07 -5.07 -19.29
N PRO A 39 -27.82 -5.72 -20.20
CA PRO A 39 -27.30 -5.91 -21.56
C PRO A 39 -26.91 -4.60 -22.26
N THR A 40 -27.61 -3.51 -21.97
CA THR A 40 -27.27 -2.22 -22.58
C THR A 40 -25.91 -1.73 -22.09
N LEU A 41 -25.69 -1.77 -20.76
CA LEU A 41 -24.42 -1.29 -20.22
C LEU A 41 -23.24 -2.17 -20.64
N TYR A 42 -23.50 -3.43 -20.98
CA TYR A 42 -22.42 -4.34 -21.35
C TYR A 42 -21.69 -3.86 -22.60
N TRP A 43 -22.36 -3.07 -23.45
CA TRP A 43 -21.71 -2.57 -24.66
C TRP A 43 -20.61 -1.55 -24.35
N HIS A 44 -20.71 -0.86 -23.21
CA HIS A 44 -19.73 0.16 -22.84
C HIS A 44 -18.68 -0.36 -21.87
N VAL A 45 -19.06 -1.17 -20.89
CA VAL A 45 -18.13 -1.77 -19.93
C VAL A 45 -18.55 -3.22 -19.74
N LYS A 46 -17.58 -4.14 -19.80
CA LYS A 46 -17.88 -5.58 -19.86
C LYS A 46 -17.92 -6.24 -18.49
N ASN A 47 -17.28 -5.68 -17.47
CA ASN A 47 -17.32 -6.24 -16.14
C ASN A 47 -16.71 -5.23 -15.17
N LYS A 48 -16.66 -5.61 -13.89
CA LYS A 48 -16.10 -4.75 -12.86
C LYS A 48 -14.63 -4.45 -13.14
N ARG A 49 -13.88 -5.45 -13.61
CA ARG A 49 -12.47 -5.23 -13.90
C ARG A 49 -12.26 -4.17 -14.96
N ALA A 50 -13.08 -4.19 -16.02
CA ALA A 50 -12.99 -3.15 -17.04
C ALA A 50 -13.41 -1.80 -16.48
N LEU A 51 -14.40 -1.78 -15.59
CA LEU A 51 -14.84 -0.52 -14.99
C LEU A 51 -13.76 0.09 -14.11
N LEU A 52 -13.09 -0.74 -13.30
CA LEU A 52 -12.02 -0.23 -12.45
C LEU A 52 -10.84 0.27 -13.29
N ASP A 53 -10.50 -0.44 -14.36
CA ASP A 53 -9.45 0.02 -15.27
C ASP A 53 -9.77 1.41 -15.79
N ALA A 54 -11.03 1.66 -16.15
CA ALA A 54 -11.41 2.98 -16.67
C ALA A 54 -11.40 4.03 -15.56
N LEU A 55 -11.87 3.66 -14.36
CA LEU A 55 -11.88 4.62 -13.25
C LEU A 55 -10.48 5.06 -12.88
N ALA A 56 -9.51 4.13 -12.88
CA ALA A 56 -8.15 4.49 -12.53
C ALA A 56 -7.55 5.47 -13.54
N ILE A 57 -7.79 5.23 -14.84
CA ILE A 57 -7.28 6.12 -15.87
C ILE A 57 -7.93 7.50 -15.76
N GLU A 58 -9.24 7.55 -15.49
CA GLU A 58 -9.94 8.83 -15.46
C GLU A 58 -9.46 9.72 -14.32
N MET A 59 -9.22 9.14 -13.14
CA MET A 59 -8.75 9.96 -12.03
C MET A 59 -7.37 10.53 -12.28
N LEU A 60 -6.54 9.82 -13.06
CA LEU A 60 -5.22 10.34 -13.40
C LEU A 60 -5.33 11.49 -14.39
N ASP A 61 -6.10 11.30 -15.47
CA ASP A 61 -6.29 12.36 -16.45
C ASP A 61 -6.92 13.60 -15.80
N ARG A 62 -7.74 13.40 -14.77
CA ARG A 62 -8.39 14.53 -14.11
C ARG A 62 -7.46 15.25 -13.14
N HIS A 63 -6.71 14.49 -12.33
CA HIS A 63 -5.98 15.07 -11.20
C HIS A 63 -4.48 14.84 -11.23
N HIS A 64 -3.97 13.87 -11.98
CA HIS A 64 -2.52 13.67 -12.10
C HIS A 64 -2.02 14.59 -13.21
N THR A 65 -1.90 15.87 -12.87
CA THR A 65 -1.55 16.90 -13.83
C THR A 65 -0.05 17.17 -13.89
N HIS A 66 0.69 16.90 -12.82
CA HIS A 66 2.11 17.26 -12.75
C HIS A 66 2.99 16.03 -12.99
N PHE A 67 2.79 15.41 -14.16
CA PHE A 67 3.61 14.28 -14.57
C PHE A 67 4.90 14.71 -15.26
N SER A 68 5.03 15.99 -15.62
CA SER A 68 6.18 16.51 -16.31
C SER A 68 6.79 17.67 -15.54
N PRO A 69 8.11 17.87 -15.63
CA PRO A 69 8.73 19.00 -14.95
C PRO A 69 8.34 20.32 -15.60
N LEU A 70 8.29 21.36 -14.77
CA LEU A 70 8.00 22.71 -15.26
C LEU A 70 9.27 23.33 -15.84
N GLU A 71 9.13 24.54 -16.38
CA GLU A 71 10.28 25.26 -16.92
C GLU A 71 11.25 25.59 -15.80
N GLY A 72 12.47 25.06 -15.91
CA GLY A 72 13.49 25.31 -14.91
C GLY A 72 13.15 24.78 -13.53
N GLU A 73 12.45 23.66 -13.45
CA GLU A 73 12.10 23.04 -12.18
C GLU A 73 13.11 21.96 -11.84
N SER A 74 13.65 22.01 -10.63
CA SER A 74 14.65 21.05 -10.19
C SER A 74 14.06 19.64 -10.14
N TRP A 75 14.94 18.64 -10.25
CA TRP A 75 14.50 17.25 -10.14
C TRP A 75 13.90 16.98 -8.77
N GLN A 76 14.40 17.62 -7.73
CA GLN A 76 13.80 17.50 -6.40
C GLN A 76 12.36 17.99 -6.40
N ASP A 77 12.12 19.19 -6.93
CA ASP A 77 10.77 19.72 -7.00
C ASP A 77 9.88 18.88 -7.90
N PHE A 78 10.44 18.32 -8.98
CA PHE A 78 9.64 17.47 -9.87
C PHE A 78 9.14 16.22 -9.15
N LEU A 79 10.06 15.47 -8.53
CA LEU A 79 9.66 14.28 -7.78
C LEU A 79 8.69 14.62 -6.67
N ARG A 80 8.90 15.77 -6.00
CA ARG A 80 7.97 16.21 -4.96
C ARG A 80 6.57 16.41 -5.54
N ASN A 81 6.47 17.23 -6.58
CA ASN A 81 5.16 17.55 -7.15
C ASN A 81 4.63 16.42 -8.03
N ASN A 82 5.48 15.52 -8.51
CA ASN A 82 4.97 14.32 -9.17
C ASN A 82 4.30 13.40 -8.16
N ALA A 83 4.86 13.29 -6.97
CA ALA A 83 4.25 12.47 -5.91
C ALA A 83 2.96 13.11 -5.41
N LYS A 84 2.99 14.42 -5.15
CA LYS A 84 1.79 15.12 -4.69
C LYS A 84 0.68 15.03 -5.72
N SER A 85 1.01 15.15 -7.01
CA SER A 85 0.01 15.02 -8.05
C SER A 85 -0.55 13.61 -8.11
N PHE A 86 0.33 12.61 -8.07
CA PHE A 86 -0.11 11.21 -8.06
C PHE A 86 -0.98 10.93 -6.84
N ARG A 87 -0.61 11.47 -5.68
CA ARG A 87 -1.39 11.26 -4.47
C ARG A 87 -2.77 11.90 -4.58
N ASN A 88 -2.85 13.07 -5.24
CA ASN A 88 -4.14 13.73 -5.40
C ASN A 88 -5.11 12.88 -6.22
N ALA A 89 -4.59 12.18 -7.24
CA ALA A 89 -5.43 11.28 -8.02
C ALA A 89 -5.97 10.13 -7.17
N LEU A 90 -5.10 9.54 -6.35
CA LEU A 90 -5.51 8.41 -5.53
C LEU A 90 -6.55 8.82 -4.48
N LEU A 91 -6.52 10.06 -4.01
CA LEU A 91 -7.47 10.54 -3.02
C LEU A 91 -8.67 11.24 -3.64
N SER A 92 -8.72 11.36 -4.96
CA SER A 92 -9.81 12.10 -5.60
C SER A 92 -11.16 11.44 -5.37
N HIS A 93 -11.17 10.12 -5.16
CA HIS A 93 -12.42 9.39 -4.96
C HIS A 93 -12.21 8.34 -3.88
N ARG A 94 -13.33 7.85 -3.35
CA ARG A 94 -13.29 6.82 -2.32
C ARG A 94 -12.60 5.56 -2.82
N ASP A 95 -11.71 5.02 -1.97
CA ASP A 95 -10.96 3.80 -2.29
C ASP A 95 -10.14 3.96 -3.57
N GLY A 96 -9.74 5.19 -3.88
CA GLY A 96 -9.05 5.45 -5.14
C GLY A 96 -7.73 4.72 -5.27
N ALA A 97 -7.04 4.51 -4.14
CA ALA A 97 -5.77 3.78 -4.20
C ALA A 97 -6.00 2.30 -4.47
N LYS A 98 -7.03 1.72 -3.85
CA LYS A 98 -7.37 0.34 -4.14
C LYS A 98 -7.80 0.18 -5.59
N VAL A 99 -8.54 1.15 -6.12
CA VAL A 99 -8.93 1.11 -7.53
C VAL A 99 -7.71 1.13 -8.42
N HIS A 100 -6.72 1.97 -8.08
CA HIS A 100 -5.51 2.06 -8.90
C HIS A 100 -4.69 0.77 -8.79
N LEU A 101 -4.61 0.21 -7.58
CA LEU A 101 -3.84 -1.02 -7.38
C LEU A 101 -4.55 -2.18 -8.06
N GLY A 102 -3.87 -2.81 -9.01
CA GLY A 102 -4.44 -3.90 -9.78
C GLY A 102 -4.75 -3.57 -11.22
N THR A 103 -4.52 -2.35 -11.66
CA THR A 103 -4.71 -1.97 -13.06
C THR A 103 -3.38 -2.07 -13.79
N ARG A 104 -3.45 -2.40 -15.08
CA ARG A 104 -2.19 -2.50 -15.82
C ARG A 104 -1.92 -1.21 -16.58
N PRO A 105 -0.71 -0.67 -16.49
CA PRO A 105 -0.36 0.53 -17.26
C PRO A 105 -0.67 0.42 -18.75
N THR A 106 -1.16 1.53 -19.31
CA THR A 106 -1.37 1.69 -20.73
C THR A 106 -0.03 1.94 -21.42
N GLU A 107 -0.09 2.13 -22.74
CA GLU A 107 1.12 2.45 -23.48
C GLU A 107 1.56 3.90 -23.27
N LYS A 108 0.62 4.81 -23.02
CA LYS A 108 0.98 6.22 -22.87
C LYS A 108 1.73 6.48 -21.57
N GLN A 109 1.45 5.72 -20.51
CA GLN A 109 2.20 5.93 -19.26
C GLN A 109 3.60 5.35 -19.36
N TYR A 110 3.80 4.31 -20.16
CA TYR A 110 5.17 3.86 -20.42
C TYR A 110 5.95 4.95 -21.14
N GLU A 111 5.33 5.61 -22.12
CA GLU A 111 5.98 6.73 -22.79
C GLU A 111 6.18 7.90 -21.84
N THR A 112 5.17 8.21 -21.03
CA THR A 112 5.32 9.25 -20.02
C THR A 112 6.42 8.89 -19.03
N LEU A 113 6.53 7.61 -18.68
CA LEU A 113 7.56 7.19 -17.73
C LEU A 113 8.95 7.27 -18.35
N GLU A 114 9.06 6.93 -19.64
CA GLU A 114 10.33 7.07 -20.34
C GLU A 114 10.81 8.52 -20.33
N ASN A 115 9.90 9.46 -20.58
CA ASN A 115 10.26 10.87 -20.48
C ASN A 115 10.74 11.22 -19.08
N GLN A 116 10.24 10.51 -18.06
CA GLN A 116 10.70 10.76 -16.70
C GLN A 116 12.10 10.23 -16.46
N LEU A 117 12.41 9.01 -16.94
CA LEU A 117 13.80 8.55 -16.87
C LEU A 117 14.71 9.46 -17.67
N ALA A 118 14.25 9.91 -18.84
CA ALA A 118 15.03 10.84 -19.65
C ALA A 118 15.37 12.11 -18.87
N PHE A 119 14.35 12.73 -18.27
CA PHE A 119 14.58 13.95 -17.50
C PHE A 119 15.54 13.69 -16.33
N LEU A 120 15.36 12.57 -15.63
CA LEU A 120 16.23 12.28 -14.49
C LEU A 120 17.65 11.95 -14.94
N THR A 121 17.80 11.14 -15.99
CA THR A 121 19.13 10.78 -16.48
C THR A 121 19.89 12.01 -16.97
N GLN A 122 19.18 12.98 -17.56
CA GLN A 122 19.84 14.23 -17.95
C GLN A 122 20.40 14.95 -16.73
N GLN A 123 19.63 14.98 -15.65
CA GLN A 123 19.98 15.75 -14.46
C GLN A 123 21.06 15.09 -13.61
N GLY A 124 21.73 14.05 -14.10
CA GLY A 124 22.82 13.42 -13.39
C GLY A 124 22.51 12.04 -12.85
N PHE A 125 21.25 11.61 -12.90
CA PHE A 125 20.89 10.29 -12.41
C PHE A 125 21.41 9.21 -13.34
N SER A 126 21.90 8.12 -12.76
CA SER A 126 22.12 6.91 -13.55
C SER A 126 20.76 6.33 -13.94
N LEU A 127 20.75 5.65 -15.10
CA LEU A 127 19.52 5.01 -15.55
C LEU A 127 18.99 4.03 -14.51
N GLU A 128 19.91 3.30 -13.86
CA GLU A 128 19.52 2.37 -12.80
C GLU A 128 18.92 3.12 -11.62
N ASN A 129 19.58 4.20 -11.18
CA ASN A 129 19.10 4.95 -10.03
C ASN A 129 17.80 5.69 -10.34
N ALA A 130 17.60 6.09 -11.59
CA ALA A 130 16.37 6.79 -11.95
C ALA A 130 15.14 5.90 -11.79
N LEU A 131 15.28 4.62 -12.14
CA LEU A 131 14.16 3.69 -11.95
C LEU A 131 13.92 3.39 -10.48
N TYR A 132 15.00 3.37 -9.68
CA TYR A 132 14.83 3.12 -8.25
C TYR A 132 14.16 4.29 -7.57
N ALA A 133 14.56 5.52 -7.91
CA ALA A 133 13.97 6.71 -7.30
C ALA A 133 12.48 6.81 -7.64
N LEU A 134 12.13 6.60 -8.90
CA LEU A 134 10.73 6.72 -9.32
C LEU A 134 9.88 5.59 -8.72
N SER A 135 10.44 4.38 -8.64
CA SER A 135 9.70 3.27 -8.05
C SER A 135 9.47 3.48 -6.56
N ALA A 136 10.51 3.92 -5.84
CA ALA A 136 10.39 4.13 -4.41
C ALA A 136 9.35 5.20 -4.09
N VAL A 137 9.37 6.31 -4.83
CA VAL A 137 8.40 7.37 -4.62
C VAL A 137 6.98 6.85 -4.90
N GLY A 138 6.84 6.04 -5.95
CA GLY A 138 5.53 5.49 -6.26
C GLY A 138 5.03 4.52 -5.20
N HIS A 139 5.90 3.61 -4.76
CA HIS A 139 5.51 2.65 -3.73
C HIS A 139 5.15 3.34 -2.43
N PHE A 140 5.93 4.36 -2.04
CA PHE A 140 5.65 5.08 -0.81
C PHE A 140 4.33 5.84 -0.90
N THR A 141 4.09 6.51 -2.03
CA THR A 141 2.85 7.26 -2.21
C THR A 141 1.65 6.32 -2.21
N LEU A 142 1.74 5.21 -2.96
CA LEU A 142 0.65 4.25 -3.00
C LEU A 142 0.39 3.63 -1.63
N GLY A 143 1.45 3.27 -0.91
CA GLY A 143 1.28 2.73 0.42
C GLY A 143 0.64 3.70 1.39
N SER A 144 1.06 4.97 1.33
CA SER A 144 0.52 5.97 2.25
C SER A 144 -0.97 6.17 2.04
N VAL A 145 -1.40 6.30 0.79
CA VAL A 145 -2.81 6.54 0.50
C VAL A 145 -3.63 5.30 0.83
N LEU A 146 -3.10 4.11 0.54
CA LEU A 146 -3.82 2.88 0.85
C LEU A 146 -4.12 2.77 2.33
N GLU A 147 -3.10 2.97 3.17
CA GLU A 147 -3.33 2.93 4.62
C GLU A 147 -4.20 4.10 5.07
N ASP A 148 -4.03 5.27 4.45
CA ASP A 148 -4.85 6.43 4.82
C ASP A 148 -6.31 6.19 4.49
N GLN A 149 -6.59 5.66 3.30
CA GLN A 149 -7.98 5.42 2.92
C GLN A 149 -8.56 4.21 3.65
N GLU A 150 -7.71 3.26 4.03
CA GLU A 150 -8.17 2.15 4.87
C GLU A 150 -8.48 2.63 6.28
N HIS A 151 -7.84 3.72 6.72
CA HIS A 151 -8.01 4.18 8.09
C HIS A 151 -9.32 4.93 8.28
N GLN A 152 -9.64 5.85 7.37
CA GLN A 152 -10.87 6.62 7.54
C GLN A 152 -12.12 5.80 7.29
N VAL A 153 -11.99 4.58 6.76
CA VAL A 153 -13.12 3.66 6.74
C VAL A 153 -13.35 3.07 8.12
N ALA A 154 -12.26 2.82 8.86
CA ALA A 154 -12.32 2.26 10.20
C ALA A 154 -12.82 3.25 11.24
N LYS A 155 -13.28 4.43 10.83
CA LYS A 155 -13.78 5.44 11.76
C LYS A 155 -15.22 5.17 12.15
N GLU A 156 -15.64 3.90 12.08
CA GLU A 156 -16.95 3.49 12.56
C GLU A 156 -16.94 3.09 14.03
N GLU A 157 -15.75 2.95 14.63
CA GLU A 157 -15.65 2.57 16.03
C GLU A 157 -16.07 3.73 16.94
N MET A 166 -4.93 4.28 24.65
CA MET A 166 -3.78 3.67 24.00
C MET A 166 -2.50 4.37 24.50
N PRO A 167 -1.33 3.72 24.32
CA PRO A 167 -0.09 4.18 25.00
C PRO A 167 0.10 5.67 24.94
N PRO A 168 0.65 6.27 26.00
CA PRO A 168 0.68 7.74 26.09
C PRO A 168 1.70 8.38 25.17
N LEU A 169 2.92 7.84 25.10
CA LEU A 169 3.92 8.39 24.18
C LEU A 169 3.43 8.32 22.75
N LEU A 170 2.73 7.23 22.39
CA LEU A 170 2.04 7.18 21.11
C LEU A 170 0.88 8.15 21.08
N ARG A 171 0.17 8.30 22.20
CA ARG A 171 -0.94 9.26 22.27
C ARG A 171 -0.44 10.70 22.26
N GLN A 172 0.84 10.93 22.58
CA GLN A 172 1.40 12.27 22.48
C GLN A 172 1.76 12.62 21.04
N ALA A 173 2.10 11.62 20.23
CA ALA A 173 2.42 11.87 18.82
C ALA A 173 1.17 12.06 17.98
N ILE A 174 0.04 11.50 18.40
CA ILE A 174 -1.19 11.62 17.61
C ILE A 174 -1.78 13.02 17.71
N GLU A 175 -1.44 13.79 18.73
CA GLU A 175 -1.91 15.16 18.85
C GLU A 175 -0.83 16.15 18.39
N GLN A 180 -5.13 16.77 12.32
CA GLN A 180 -4.52 15.45 12.46
C GLN A 180 -4.88 14.56 11.29
N GLY A 181 -3.96 14.41 10.34
CA GLY A 181 -4.20 13.59 9.17
C GLY A 181 -2.94 12.93 8.64
N ALA A 182 -3.05 12.26 7.49
CA ALA A 182 -1.95 11.53 6.90
C ALA A 182 -1.06 12.39 6.01
N GLU A 183 -1.49 13.61 5.67
CA GLU A 183 -0.67 14.46 4.81
C GLU A 183 0.66 14.87 5.44
N PRO A 184 0.74 15.26 6.72
CA PRO A 184 2.07 15.55 7.29
C PRO A 184 3.01 14.37 7.23
N ALA A 185 2.53 13.17 7.54
CA ALA A 185 3.37 11.97 7.44
C ALA A 185 3.83 11.75 6.00
N PHE A 186 2.94 11.95 5.03
CA PHE A 186 3.31 11.75 3.63
C PHE A 186 4.39 12.75 3.21
N LEU A 187 4.23 14.02 3.59
CA LEU A 187 5.17 15.05 3.15
C LEU A 187 6.56 14.82 3.75
N HIS A 188 6.62 14.51 5.04
CA HIS A 188 7.92 14.29 5.67
CA HIS A 188 7.92 14.29 5.66
C HIS A 188 8.60 13.03 5.11
N GLY A 189 7.82 11.96 4.92
CA GLY A 189 8.39 10.75 4.33
C GLY A 189 8.88 10.97 2.91
N LEU A 190 8.10 11.70 2.12
CA LEU A 190 8.53 12.08 0.78
C LEU A 190 9.82 12.87 0.83
N GLU A 191 9.99 13.72 1.84
CA GLU A 191 11.22 14.49 1.98
C GLU A 191 12.40 13.59 2.35
N SER A 192 12.15 12.57 3.19
CA SER A 192 13.21 11.63 3.53
C SER A 192 13.73 10.92 2.30
N LEU A 193 12.85 10.55 1.37
CA LEU A 193 13.29 9.92 0.13
C LEU A 193 14.15 10.89 -0.69
N ILE A 194 13.66 12.11 -0.88
CA ILE A 194 14.35 13.07 -1.76
C ILE A 194 15.68 13.49 -1.16
N ARG A 195 15.69 13.84 0.13
CA ARG A 195 16.95 14.18 0.78
C ARG A 195 17.91 13.00 0.79
N GLY A 196 17.37 11.78 0.76
CA GLY A 196 18.23 10.61 0.59
C GLY A 196 18.74 10.47 -0.83
N PHE A 197 17.89 10.79 -1.81
CA PHE A 197 18.32 10.75 -3.21
C PHE A 197 19.48 11.71 -3.45
N GLU A 198 19.42 12.91 -2.85
CA GLU A 198 20.51 13.87 -2.97
C GLU A 198 21.83 13.27 -2.52
N VAL A 199 21.81 12.55 -1.39
CA VAL A 199 23.02 11.94 -0.86
C VAL A 199 23.56 10.88 -1.82
N GLN A 200 22.68 9.99 -2.29
CA GLN A 200 23.12 8.88 -3.13
C GLN A 200 23.67 9.32 -4.48
N LEU A 201 23.44 10.59 -4.87
CA LEU A 201 24.09 11.10 -6.07
C LEU A 201 25.58 11.32 -5.84
N THR A 202 25.94 11.89 -4.69
CA THR A 202 27.33 12.14 -4.35
C THR A 202 28.02 10.87 -3.84
N ARG B 3 -8.94 -32.74 18.96
CA ARG B 3 -9.93 -32.72 17.90
C ARG B 3 -9.57 -31.68 16.84
N LEU B 4 -9.92 -30.44 17.11
CA LEU B 4 -9.78 -29.36 16.13
C LEU B 4 -9.44 -28.10 16.91
N ASP B 5 -8.18 -27.74 16.87
CA ASP B 5 -7.64 -26.59 17.62
C ASP B 5 -7.36 -25.43 16.68
N LYS B 6 -7.08 -24.28 17.28
CA LYS B 6 -6.68 -23.11 16.49
C LYS B 6 -5.45 -23.41 15.64
N SER B 7 -4.63 -24.39 16.07
CA SER B 7 -3.42 -24.73 15.33
C SER B 7 -3.76 -25.32 13.96
N LYS B 8 -4.63 -26.33 13.90
CA LYS B 8 -4.98 -26.88 12.58
C LYS B 8 -5.83 -25.91 11.77
N VAL B 9 -6.63 -25.08 12.43
CA VAL B 9 -7.46 -24.13 11.70
C VAL B 9 -6.59 -23.16 10.92
N ILE B 10 -5.61 -22.57 11.60
CA ILE B 10 -4.78 -21.56 10.97
C ILE B 10 -3.77 -22.18 10.00
N ASN B 11 -3.24 -23.36 10.34
CA ASN B 11 -2.33 -24.04 9.43
C ASN B 11 -3.02 -24.42 8.12
N SER B 12 -4.22 -24.99 8.22
CA SER B 12 -4.99 -25.30 7.02
C SER B 12 -5.41 -24.03 6.28
N ALA B 13 -5.75 -22.97 7.03
CA ALA B 13 -6.17 -21.72 6.40
C ALA B 13 -5.04 -21.11 5.59
N LEU B 14 -3.81 -21.19 6.10
CA LEU B 14 -2.68 -20.61 5.39
C LEU B 14 -2.30 -21.42 4.16
N GLU B 15 -2.45 -22.75 4.23
CA GLU B 15 -2.26 -23.57 3.05
C GLU B 15 -3.29 -23.25 1.96
N LEU B 16 -4.56 -23.10 2.35
CA LEU B 16 -5.59 -22.82 1.35
C LEU B 16 -5.45 -21.41 0.79
N LEU B 17 -4.91 -20.48 1.58
CA LEU B 17 -4.63 -19.14 1.06
C LEU B 17 -3.64 -19.20 -0.11
N ASN B 18 -2.60 -20.03 0.01
CA ASN B 18 -1.62 -20.17 -1.07
C ASN B 18 -2.25 -20.80 -2.31
N GLU B 19 -3.14 -21.78 -2.11
CA GLU B 19 -3.73 -22.50 -3.23
C GLU B 19 -4.67 -21.59 -4.00
N VAL B 20 -5.49 -20.85 -3.28
CA VAL B 20 -6.62 -20.17 -3.87
C VAL B 20 -6.45 -18.66 -3.96
N GLY B 21 -5.65 -18.05 -3.08
CA GLY B 21 -5.56 -16.60 -2.99
C GLY B 21 -6.62 -16.01 -2.07
N ILE B 22 -6.45 -14.71 -1.79
CA ILE B 22 -7.34 -14.06 -0.83
C ILE B 22 -8.76 -13.93 -1.39
N GLU B 23 -8.90 -13.75 -2.71
CA GLU B 23 -10.21 -13.50 -3.28
C GLU B 23 -11.09 -14.75 -3.38
N GLY B 24 -10.50 -15.92 -3.59
CA GLY B 24 -11.32 -17.11 -3.64
C GLY B 24 -11.41 -17.87 -2.35
N LEU B 25 -10.80 -17.37 -1.27
CA LEU B 25 -10.76 -18.08 0.00
C LEU B 25 -12.07 -17.88 0.72
N THR B 26 -12.70 -18.98 1.11
CA THR B 26 -13.96 -18.97 1.83
C THR B 26 -13.86 -19.90 3.02
N THR B 27 -14.66 -19.60 4.05
CA THR B 27 -14.72 -20.45 5.23
C THR B 27 -15.28 -21.83 4.87
N ARG B 28 -16.07 -21.93 3.81
CA ARG B 28 -16.62 -23.22 3.41
C ARG B 28 -15.54 -24.13 2.84
N LYS B 29 -14.64 -23.57 2.02
CA LYS B 29 -13.52 -24.37 1.52
C LYS B 29 -12.58 -24.78 2.64
N LEU B 30 -12.46 -23.95 3.68
CA LEU B 30 -11.66 -24.33 4.84
C LEU B 30 -12.33 -25.44 5.63
N ALA B 31 -13.65 -25.36 5.81
CA ALA B 31 -14.38 -26.41 6.50
C ALA B 31 -14.27 -27.74 5.77
N GLN B 32 -14.39 -27.72 4.44
CA GLN B 32 -14.27 -28.95 3.67
C GLN B 32 -12.85 -29.50 3.71
N LYS B 33 -11.86 -28.60 3.61
CA LYS B 33 -10.46 -29.04 3.70
C LYS B 33 -10.16 -29.64 5.07
N LEU B 34 -10.77 -29.11 6.13
CA LEU B 34 -10.57 -29.64 7.47
C LEU B 34 -11.43 -30.87 7.74
N GLY B 35 -12.40 -31.18 6.89
CA GLY B 35 -13.27 -32.30 7.11
C GLY B 35 -14.28 -32.08 8.21
N VAL B 36 -14.77 -30.85 8.36
CA VAL B 36 -15.74 -30.50 9.39
C VAL B 36 -16.90 -29.76 8.75
N GLU B 37 -18.05 -29.82 9.40
CA GLU B 37 -19.18 -29.02 8.98
C GLU B 37 -18.93 -27.55 9.29
N GLN B 38 -19.57 -26.68 8.53
CA GLN B 38 -19.41 -25.24 8.75
C GLN B 38 -19.83 -24.79 10.14
N PRO B 39 -20.99 -25.22 10.69
CA PRO B 39 -21.33 -24.80 12.06
C PRO B 39 -20.28 -25.15 13.09
N THR B 40 -19.55 -26.26 12.91
CA THR B 40 -18.47 -26.60 13.83
C THR B 40 -17.35 -25.58 13.75
N LEU B 41 -16.94 -25.22 12.52
CA LEU B 41 -15.87 -24.25 12.33
C LEU B 41 -16.24 -22.87 12.85
N TYR B 42 -17.53 -22.57 13.00
CA TYR B 42 -17.95 -21.23 13.43
C TYR B 42 -17.52 -20.90 14.85
N TRP B 43 -17.13 -21.90 15.64
CA TRP B 43 -16.68 -21.63 17.01
C TRP B 43 -15.25 -21.09 17.04
N HIS B 44 -14.44 -21.45 16.04
CA HIS B 44 -13.06 -21.01 15.94
C HIS B 44 -12.89 -19.82 15.00
N VAL B 45 -13.63 -19.82 13.90
CA VAL B 45 -13.63 -18.71 12.94
C VAL B 45 -15.07 -18.45 12.55
N LYS B 46 -15.51 -17.20 12.68
CA LYS B 46 -16.93 -16.90 12.50
C LYS B 46 -17.28 -16.46 11.09
N ASN B 47 -16.31 -15.95 10.32
CA ASN B 47 -16.54 -15.55 8.94
C ASN B 47 -15.20 -15.29 8.28
N LYS B 48 -15.25 -14.90 7.01
CA LYS B 48 -14.04 -14.60 6.25
C LYS B 48 -13.24 -13.46 6.88
N ARG B 49 -13.94 -12.42 7.36
CA ARG B 49 -13.25 -11.29 7.97
C ARG B 49 -12.47 -11.72 9.20
N ALA B 50 -13.07 -12.56 10.05
CA ALA B 50 -12.34 -13.06 11.21
C ALA B 50 -11.19 -13.97 10.79
N LEU B 51 -11.37 -14.72 9.71
CA LEU B 51 -10.30 -15.60 9.23
C LEU B 51 -9.12 -14.80 8.71
N LEU B 52 -9.38 -13.73 7.97
CA LEU B 52 -8.29 -12.88 7.47
C LEU B 52 -7.57 -12.18 8.61
N ASP B 53 -8.32 -11.71 9.62
CA ASP B 53 -7.70 -11.12 10.80
C ASP B 53 -6.71 -12.08 11.45
N ALA B 54 -7.09 -13.35 11.55
CA ALA B 54 -6.20 -14.33 12.18
C ALA B 54 -5.01 -14.65 11.29
N LEU B 55 -5.22 -14.74 9.97
CA LEU B 55 -4.13 -15.05 9.06
C LEU B 55 -3.05 -13.97 9.09
N ALA B 56 -3.45 -12.70 9.12
CA ALA B 56 -2.47 -11.61 9.16
C ALA B 56 -1.68 -11.62 10.46
N ILE B 57 -2.35 -11.85 11.59
CA ILE B 57 -1.65 -11.89 12.87
C ILE B 57 -0.65 -13.04 12.90
N GLU B 58 -1.06 -14.21 12.40
CA GLU B 58 -0.20 -15.38 12.45
C GLU B 58 1.04 -15.19 11.58
N MET B 59 0.87 -14.60 10.40
CA MET B 59 2.01 -14.39 9.51
C MET B 59 3.04 -13.45 10.13
N LEU B 60 2.60 -12.50 10.94
CA LEU B 60 3.53 -11.61 11.63
C LEU B 60 4.27 -12.34 12.74
N ASP B 61 3.54 -13.06 13.60
CA ASP B 61 4.17 -13.82 14.68
C ASP B 61 5.15 -14.85 14.15
N ARG B 62 4.92 -15.37 12.95
CA ARG B 62 5.81 -16.38 12.38
C ARG B 62 7.07 -15.76 11.79
N HIS B 63 6.93 -14.67 11.04
CA HIS B 63 8.03 -14.16 10.24
C HIS B 63 8.45 -12.73 10.56
N HIS B 64 7.60 -11.93 11.21
CA HIS B 64 8.00 -10.59 11.65
C HIS B 64 8.68 -10.72 13.01
N THR B 65 9.92 -11.20 12.96
CA THR B 65 10.68 -11.49 14.17
C THR B 65 11.53 -10.33 14.65
N HIS B 66 11.91 -9.41 13.76
CA HIS B 66 12.82 -8.32 14.09
C HIS B 66 12.05 -7.03 14.31
N PHE B 67 11.10 -7.07 15.24
CA PHE B 67 10.33 -5.89 15.62
C PHE B 67 11.04 -5.04 16.68
N SER B 68 12.08 -5.57 17.30
CA SER B 68 12.82 -4.89 18.35
C SER B 68 14.30 -4.82 17.97
N PRO B 69 15.00 -3.77 18.41
CA PRO B 69 16.44 -3.69 18.11
C PRO B 69 17.22 -4.75 18.88
N LEU B 70 18.31 -5.19 18.26
CA LEU B 70 19.19 -6.17 18.90
C LEU B 70 20.15 -5.47 19.86
N GLU B 71 20.95 -6.26 20.56
CA GLU B 71 21.93 -5.70 21.49
C GLU B 71 22.97 -4.88 20.75
N GLY B 72 23.05 -3.59 21.07
CA GLY B 72 24.02 -2.72 20.44
C GLY B 72 23.85 -2.56 18.94
N GLU B 73 22.61 -2.62 18.46
CA GLU B 73 22.32 -2.45 17.03
C GLU B 73 21.94 -1.01 16.77
N SER B 74 22.56 -0.41 15.76
CA SER B 74 22.29 0.98 15.43
C SER B 74 20.85 1.15 14.96
N TRP B 75 20.33 2.36 15.11
CA TRP B 75 18.98 2.65 14.64
C TRP B 75 18.85 2.45 13.14
N GLN B 76 19.91 2.74 12.38
CA GLN B 76 19.89 2.46 10.94
C GLN B 76 19.71 0.97 10.68
N ASP B 77 20.53 0.14 11.33
CA ASP B 77 20.42 -1.30 11.16
C ASP B 77 19.08 -1.83 11.67
N PHE B 78 18.54 -1.22 12.73
CA PHE B 78 17.24 -1.65 13.24
C PHE B 78 16.14 -1.39 12.23
N LEU B 79 16.04 -0.14 11.74
CA LEU B 79 15.05 0.17 10.72
C LEU B 79 15.25 -0.68 9.47
N ARG B 80 16.51 -0.93 9.11
CA ARG B 80 16.81 -1.80 7.97
C ARG B 80 16.22 -3.19 8.18
N ASN B 81 16.55 -3.83 9.30
CA ASN B 81 16.10 -5.20 9.55
C ASN B 81 14.64 -5.26 9.99
N ASN B 82 14.08 -4.14 10.48
CA ASN B 82 12.64 -4.11 10.74
C ASN B 82 11.85 -4.12 9.44
N ALA B 83 12.34 -3.43 8.41
CA ALA B 83 11.67 -3.44 7.12
C ALA B 83 11.79 -4.80 6.45
N LYS B 84 13.01 -5.39 6.46
CA LYS B 84 13.19 -6.70 5.86
C LYS B 84 12.33 -7.75 6.56
N SER B 85 12.21 -7.67 7.89
CA SER B 85 11.39 -8.61 8.63
C SER B 85 9.91 -8.44 8.27
N PHE B 86 9.43 -7.19 8.24
CA PHE B 86 8.04 -6.94 7.87
C PHE B 86 7.75 -7.41 6.45
N ARG B 87 8.69 -7.17 5.52
CA ARG B 87 8.47 -7.59 4.15
C ARG B 87 8.44 -9.11 4.03
N ASN B 88 9.26 -9.81 4.81
CA ASN B 88 9.28 -11.27 4.77
C ASN B 88 7.94 -11.85 5.21
N ALA B 89 7.30 -11.23 6.22
CA ALA B 89 5.98 -11.68 6.65
C ALA B 89 4.96 -11.51 5.54
N LEU B 90 4.99 -10.37 4.84
CA LEU B 90 4.03 -10.13 3.77
C LEU B 90 4.23 -11.09 2.61
N LEU B 91 5.46 -11.56 2.40
CA LEU B 91 5.76 -12.51 1.33
C LEU B 91 5.69 -13.96 1.78
N SER B 92 5.41 -14.22 3.06
CA SER B 92 5.39 -15.59 3.55
C SER B 92 4.28 -16.41 2.92
N HIS B 93 3.20 -15.77 2.49
CA HIS B 93 2.07 -16.46 1.89
C HIS B 93 1.52 -15.64 0.73
N ARG B 94 0.76 -16.32 -0.12
CA ARG B 94 0.15 -15.68 -1.27
C ARG B 94 -0.78 -14.55 -0.84
N ASP B 95 -0.69 -13.41 -1.52
CA ASP B 95 -1.51 -12.23 -1.25
C ASP B 95 -1.35 -11.75 0.19
N GLY B 96 -0.18 -12.00 0.78
CA GLY B 96 0.02 -11.67 2.19
C GLY B 96 -0.12 -10.19 2.50
N ALA B 97 0.26 -9.33 1.54
CA ALA B 97 0.11 -7.90 1.75
C ALA B 97 -1.36 -7.48 1.69
N LYS B 98 -2.12 -8.07 0.77
CA LYS B 98 -3.55 -7.77 0.70
C LYS B 98 -4.26 -8.23 1.97
N VAL B 99 -3.89 -9.39 2.50
CA VAL B 99 -4.46 -9.85 3.76
C VAL B 99 -4.14 -8.89 4.89
N HIS B 100 -2.90 -8.40 4.93
CA HIS B 100 -2.47 -7.51 6.01
C HIS B 100 -3.17 -6.15 5.92
N LEU B 101 -3.41 -5.65 4.71
CA LEU B 101 -3.98 -4.32 4.56
C LEU B 101 -5.40 -4.22 5.10
N GLY B 102 -6.18 -5.30 5.00
CA GLY B 102 -7.55 -5.25 5.44
C GLY B 102 -7.79 -5.44 6.92
N THR B 103 -6.74 -5.68 7.70
CA THR B 103 -6.85 -5.82 9.14
C THR B 103 -6.56 -4.51 9.88
N ARG B 104 -7.02 -4.45 11.11
CA ARG B 104 -6.84 -3.38 12.08
C ARG B 104 -5.85 -3.81 13.15
N PRO B 105 -4.96 -2.91 13.59
CA PRO B 105 -3.89 -3.31 14.49
C PRO B 105 -4.41 -3.66 15.88
N THR B 106 -3.82 -4.69 16.48
CA THR B 106 -4.12 -5.06 17.85
C THR B 106 -3.46 -4.09 18.82
N GLU B 107 -3.79 -4.24 20.11
CA GLU B 107 -3.21 -3.39 21.13
C GLU B 107 -1.74 -3.69 21.35
N LYS B 108 -1.33 -4.94 21.11
CA LYS B 108 0.07 -5.31 21.23
C LYS B 108 0.93 -4.63 20.16
N GLN B 109 0.35 -4.37 18.99
CA GLN B 109 1.11 -3.72 17.93
C GLN B 109 1.28 -2.23 18.20
N TYR B 110 0.27 -1.61 18.84
CA TYR B 110 0.41 -0.22 19.28
C TYR B 110 1.46 -0.09 20.37
N GLU B 111 1.49 -1.03 21.31
CA GLU B 111 2.51 -1.02 22.35
C GLU B 111 3.90 -1.25 21.75
N THR B 112 4.01 -2.18 20.81
CA THR B 112 5.27 -2.39 20.11
C THR B 112 5.71 -1.13 19.37
N LEU B 113 4.75 -0.40 18.79
CA LEU B 113 5.10 0.82 18.06
C LEU B 113 5.56 1.92 19.01
N GLU B 114 4.94 2.03 20.18
CA GLU B 114 5.39 2.98 21.18
C GLU B 114 6.82 2.66 21.63
N ASN B 115 7.12 1.38 21.86
CA ASN B 115 8.47 0.99 22.21
C ASN B 115 9.47 1.37 21.12
N GLN B 116 9.04 1.39 19.87
CA GLN B 116 9.92 1.80 18.78
C GLN B 116 10.15 3.30 18.80
N LEU B 117 9.10 4.09 19.04
CA LEU B 117 9.26 5.53 19.21
C LEU B 117 10.20 5.85 20.37
N ALA B 118 10.09 5.10 21.47
CA ALA B 118 11.00 5.27 22.59
C ALA B 118 12.44 5.08 22.15
N PHE B 119 12.71 3.96 21.46
CA PHE B 119 14.07 3.67 21.02
C PHE B 119 14.58 4.75 20.08
N LEU B 120 13.74 5.23 19.15
CA LEU B 120 14.18 6.24 18.20
C LEU B 120 14.44 7.58 18.89
N THR B 121 13.54 7.99 19.79
CA THR B 121 13.75 9.23 20.52
C THR B 121 14.99 9.16 21.40
N GLN B 122 15.31 7.97 21.91
CA GLN B 122 16.52 7.78 22.69
C GLN B 122 17.78 7.98 21.85
N GLN B 123 17.69 7.80 20.53
CA GLN B 123 18.83 7.92 19.64
C GLN B 123 18.93 9.28 18.97
N GLY B 124 18.14 10.26 19.43
CA GLY B 124 18.22 11.62 18.90
C GLY B 124 17.02 12.06 18.09
N PHE B 125 16.10 11.16 17.78
CA PHE B 125 14.92 11.53 17.01
C PHE B 125 13.96 12.37 17.85
N SER B 126 13.38 13.39 17.23
CA SER B 126 12.21 14.03 17.83
C SER B 126 11.02 13.08 17.77
N LEU B 127 10.10 13.24 18.71
CA LEU B 127 8.92 12.38 18.74
C LEU B 127 8.14 12.45 17.43
N GLU B 128 8.06 13.64 16.83
CA GLU B 128 7.38 13.78 15.55
C GLU B 128 8.11 13.04 14.44
N ASN B 129 9.44 13.24 14.34
CA ASN B 129 10.20 12.59 13.28
C ASN B 129 10.29 11.09 13.46
N ALA B 130 10.26 10.61 14.72
CA ALA B 130 10.34 9.17 14.96
C ALA B 130 9.12 8.46 14.42
N LEU B 131 7.94 9.06 14.56
CA LEU B 131 6.72 8.45 14.02
C LEU B 131 6.69 8.51 12.50
N TYR B 132 7.24 9.56 11.90
CA TYR B 132 7.27 9.67 10.45
C TYR B 132 8.24 8.66 9.84
N ALA B 133 9.40 8.47 10.47
CA ALA B 133 10.36 7.50 9.95
C ALA B 133 9.77 6.09 9.96
N LEU B 134 9.11 5.72 11.04
CA LEU B 134 8.50 4.39 11.12
C LEU B 134 7.34 4.27 10.15
N SER B 135 6.56 5.33 9.97
CA SER B 135 5.44 5.31 9.02
C SER B 135 5.93 5.18 7.59
N ALA B 136 6.96 5.97 7.23
CA ALA B 136 7.48 5.93 5.86
C ALA B 136 8.02 4.56 5.51
N VAL B 137 8.80 3.96 6.41
CA VAL B 137 9.33 2.62 6.16
C VAL B 137 8.21 1.61 6.01
N GLY B 138 7.17 1.71 6.84
CA GLY B 138 6.04 0.80 6.73
C GLY B 138 5.27 0.99 5.44
N HIS B 139 4.97 2.25 5.09
CA HIS B 139 4.22 2.52 3.86
C HIS B 139 5.01 2.08 2.64
N PHE B 140 6.32 2.32 2.62
CA PHE B 140 7.14 1.90 1.48
C PHE B 140 7.19 0.39 1.37
N THR B 141 7.40 -0.29 2.50
CA THR B 141 7.47 -1.76 2.48
C THR B 141 6.15 -2.36 2.05
N LEU B 142 5.04 -1.88 2.63
CA LEU B 142 3.72 -2.39 2.24
C LEU B 142 3.42 -2.09 0.78
N GLY B 143 3.74 -0.88 0.31
CA GLY B 143 3.52 -0.53 -1.08
C GLY B 143 4.34 -1.39 -2.03
N SER B 144 5.61 -1.64 -1.68
CA SER B 144 6.48 -2.44 -2.54
C SER B 144 5.94 -3.86 -2.70
N VAL B 145 5.54 -4.48 -1.59
CA VAL B 145 5.07 -5.86 -1.64
C VAL B 145 3.72 -5.94 -2.34
N LEU B 146 2.86 -4.95 -2.12
CA LEU B 146 1.54 -4.93 -2.76
C LEU B 146 1.66 -4.94 -4.28
N GLU B 147 2.47 -4.04 -4.83
CA GLU B 147 2.67 -4.02 -6.28
C GLU B 147 3.43 -5.24 -6.74
N ASP B 148 4.38 -5.73 -5.93
CA ASP B 148 5.14 -6.91 -6.30
C ASP B 148 4.24 -8.14 -6.39
N GLN B 149 3.35 -8.32 -5.41
CA GLN B 149 2.45 -9.46 -5.42
C GLN B 149 1.33 -9.31 -6.44
N GLU B 150 0.97 -8.07 -6.79
CA GLU B 150 -0.02 -7.87 -7.85
C GLU B 150 0.53 -8.26 -9.21
N HIS B 151 1.82 -7.98 -9.45
CA HIS B 151 2.45 -8.31 -10.73
C HIS B 151 3.00 -9.72 -10.76
N GLN B 152 3.03 -10.42 -9.61
CA GLN B 152 3.43 -11.82 -9.55
C GLN B 152 2.42 -12.75 -10.22
N VAL B 153 1.31 -12.23 -10.74
CA VAL B 153 0.39 -13.06 -11.51
C VAL B 153 1.01 -13.41 -12.86
N ALA B 154 1.82 -12.53 -13.43
CA ALA B 154 2.47 -12.80 -14.71
C ALA B 154 3.54 -13.87 -14.57
N HIS B 179 14.13 -5.42 -16.98
CA HIS B 179 14.09 -5.41 -15.53
C HIS B 179 13.28 -6.57 -14.99
N GLN B 180 13.73 -7.13 -13.87
CA GLN B 180 13.00 -8.14 -13.13
C GLN B 180 13.70 -8.39 -11.80
N GLY B 181 12.90 -8.66 -10.77
CA GLY B 181 13.43 -8.79 -9.42
C GLY B 181 13.08 -7.59 -8.56
N ALA B 182 12.15 -7.78 -7.62
CA ALA B 182 11.67 -6.68 -6.79
C ALA B 182 12.52 -6.42 -5.57
N GLU B 183 13.40 -7.35 -5.20
CA GLU B 183 14.27 -7.16 -4.03
C GLU B 183 15.26 -6.02 -4.22
N PRO B 184 15.91 -5.89 -5.39
CA PRO B 184 16.79 -4.72 -5.57
C PRO B 184 16.08 -3.39 -5.44
N ALA B 185 14.88 -3.26 -6.01
CA ALA B 185 14.11 -2.02 -5.88
C ALA B 185 13.78 -1.74 -4.42
N PHE B 186 13.39 -2.76 -3.67
CA PHE B 186 13.08 -2.57 -2.26
C PHE B 186 14.31 -2.15 -1.47
N LEU B 187 15.44 -2.82 -1.70
CA LEU B 187 16.64 -2.56 -0.92
C LEU B 187 17.19 -1.16 -1.19
N HIS B 188 17.24 -0.76 -2.46
N HIS B 188 17.24 -0.75 -2.46
CA HIS B 188 17.74 0.57 -2.80
CA HIS B 188 17.76 0.58 -2.76
C HIS B 188 16.81 1.67 -2.30
C HIS B 188 16.81 1.68 -2.29
N GLY B 189 15.51 1.41 -2.29
CA GLY B 189 14.57 2.39 -1.77
C GLY B 189 14.63 2.49 -0.25
N LEU B 190 14.72 1.34 0.43
CA LEU B 190 14.93 1.35 1.87
C LEU B 190 16.20 2.08 2.24
N GLU B 191 17.25 1.95 1.44
CA GLU B 191 18.49 2.67 1.70
C GLU B 191 18.32 4.16 1.50
N SER B 192 17.54 4.55 0.48
CA SER B 192 17.26 5.97 0.27
C SER B 192 16.57 6.57 1.49
N LEU B 193 15.65 5.82 2.10
CA LEU B 193 14.99 6.27 3.32
C LEU B 193 16.00 6.44 4.46
N ILE B 194 16.88 5.46 4.64
CA ILE B 194 17.78 5.45 5.80
C ILE B 194 18.75 6.63 5.73
N ARG B 195 19.35 6.86 4.57
CA ARG B 195 20.28 7.98 4.45
C ARG B 195 19.55 9.32 4.49
N GLY B 196 18.29 9.35 4.04
CA GLY B 196 17.51 10.55 4.21
C GLY B 196 17.25 10.85 5.68
N PHE B 197 16.97 9.81 6.47
CA PHE B 197 16.80 9.99 7.91
C PHE B 197 18.06 10.53 8.55
N GLU B 198 19.22 10.02 8.14
CA GLU B 198 20.49 10.50 8.68
C GLU B 198 20.67 12.00 8.46
N VAL B 199 20.34 12.49 7.26
CA VAL B 199 20.50 13.90 6.96
C VAL B 199 19.59 14.75 7.84
N GLN B 200 18.31 14.40 7.90
CA GLN B 200 17.33 15.19 8.64
C GLN B 200 17.57 15.19 10.15
N LEU B 201 18.46 14.34 10.65
CA LEU B 201 18.85 14.41 12.05
C LEU B 201 19.64 15.69 12.33
N THR B 202 20.56 16.04 11.44
CA THR B 202 21.37 17.25 11.60
C THR B 202 20.60 18.48 11.15
#